data_9OKI
#
_entry.id   9OKI
#
_cell.length_a   1.00
_cell.length_b   1.00
_cell.length_c   1.00
_cell.angle_alpha   90.00
_cell.angle_beta   90.00
_cell.angle_gamma   90.00
#
_symmetry.space_group_name_H-M   'P 1'
#
loop_
_entity.id
_entity.type
_entity.pdbx_description
1 polymer 'Synaptic vesicle glycoprotein 2A'
2 non-polymer (4R)-1-[(3-methylpyridin-4-yl)methyl]-4-(3,4,5-trifluorophenyl)pyrrolidin-2-one
3 non-polymer (3S)-4-(3,5-dimethylphenyl)-N-(2-methoxyphenyl)-3-methylbutanamide
#
_entity_poly.entity_id   1
_entity_poly.type   'polypeptide(L)'
_entity_poly.pdbx_seq_one_letter_code
;AQRRKEREELAQQYEAILRECGHGRFQWTLYFVLGLALMADGVEVFVVGFVLPSAEKDMCLSDSNKGMLGLIVYLGMMVG
AFLWGGLADRLGRRQCLLISLSVNSVFAFFSSFVQGYGTFLFCRLLSGVGIGGSIPIVFSYFSEFLAQEKRGEHLSWLCM
FWMIGGVYAAAMAWAIIPHYGWSFQMGSAYQFHSWRVFVLVCAFPSVFAIGALTTQPESPRFFLENGKHDEAWMVLKQVH
DTNMRAKGHPERVFSVTHIKTIHQEDELIEIQSDTGTWYQRWGVRALSLGGQVWGNFLSCFGPEYRRITLMMMGVWFTMS
FSYYGLTVWFPDMIRHLQAVDYASRTKVFPGERVEHVTFNFTLENQIHRGGQYFNDKFIGLRLKSVSFEDSLFEECYFED
VTSSNTFFRNCTFINTVFYNTDLFEYKFVNSRLINSTFLHNKEGCPLDVTGTGEGAYMVYFVSFLGTLAVLPGNIVSALL
MDKIGRLRMLAGSSVMSCVSCFFLSFGNSESAMIALLCLFGGVSIASWNALDVLTVELYPSDKRTTAFGFLNALCKLAAV
LGISIFTSFVGITKAAPILFASAALALGSSLALKLPETRGQVLQ
;
_entity_poly.pdbx_strand_id   A
#
# COMPACT_ATOMS: atom_id res chain seq x y z
N ALA A 1 4.29 -17.45 29.00
CA ALA A 1 5.43 -18.34 28.91
C ALA A 1 5.09 -19.56 28.05
N GLN A 2 3.99 -20.23 28.38
CA GLN A 2 3.54 -21.37 27.59
C GLN A 2 3.14 -20.94 26.18
N ARG A 3 2.46 -19.80 26.06
CA ARG A 3 1.99 -19.35 24.75
C ARG A 3 3.16 -19.03 23.83
N ARG A 4 4.22 -18.42 24.36
CA ARG A 4 5.39 -18.12 23.54
C ARG A 4 6.05 -19.40 23.03
N LYS A 5 6.17 -20.40 23.89
CA LYS A 5 6.72 -21.69 23.48
C LYS A 5 5.87 -22.32 22.37
N GLU A 6 4.55 -22.32 22.56
CA GLU A 6 3.67 -22.91 21.55
C GLU A 6 3.76 -22.17 20.22
N ARG A 7 3.83 -20.83 20.26
CA ARG A 7 3.91 -20.06 19.03
C ARG A 7 5.27 -20.23 18.34
N GLU A 8 6.35 -20.38 19.12
CA GLU A 8 7.65 -20.66 18.50
C GLU A 8 7.65 -22.02 17.80
N GLU A 9 7.06 -23.04 18.46
CA GLU A 9 6.92 -24.33 17.81
C GLU A 9 6.07 -24.22 16.54
N LEU A 10 4.98 -23.44 16.61
CA LEU A 10 4.12 -23.27 15.45
C LEU A 10 4.87 -22.59 14.30
N ALA A 11 5.65 -21.57 14.60
CA ALA A 11 6.42 -20.89 13.56
C ALA A 11 7.43 -21.84 12.91
N GLN A 12 8.14 -22.61 13.73
CA GLN A 12 9.14 -23.52 13.16
C GLN A 12 8.48 -24.58 12.28
N GLN A 13 7.39 -25.18 12.76
CA GLN A 13 6.69 -26.19 11.97
C GLN A 13 6.07 -25.58 10.72
N TYR A 14 5.57 -24.34 10.80
CA TYR A 14 4.99 -23.67 9.63
C TYR A 14 6.05 -23.41 8.58
N GLU A 15 7.25 -23.00 8.99
CA GLU A 15 8.34 -22.83 8.02
C GLU A 15 8.73 -24.17 7.39
N ALA A 16 8.75 -25.24 8.19
CA ALA A 16 9.06 -26.55 7.61
C ALA A 16 8.00 -26.97 6.61
N ILE A 17 6.73 -26.72 6.92
CA ILE A 17 5.64 -27.10 6.01
C ILE A 17 5.69 -26.26 4.74
N LEU A 18 6.02 -24.97 4.87
CA LEU A 18 6.16 -24.13 3.68
C LEU A 18 7.32 -24.61 2.80
N ARG A 19 8.41 -25.04 3.43
CA ARG A 19 9.51 -25.61 2.64
C ARG A 19 9.08 -26.89 1.93
N GLU A 20 8.27 -27.72 2.59
CA GLU A 20 7.78 -28.93 1.94
C GLU A 20 6.85 -28.60 0.77
N CYS A 21 5.97 -27.61 0.93
CA CYS A 21 5.04 -27.25 -0.13
C CYS A 21 5.78 -26.65 -1.33
N GLY A 22 6.79 -25.84 -1.08
CA GLY A 22 7.54 -25.21 -2.15
C GLY A 22 6.87 -23.96 -2.70
N HIS A 23 7.50 -23.41 -3.74
CA HIS A 23 7.07 -22.18 -4.38
C HIS A 23 6.79 -22.46 -5.85
N GLY A 24 5.75 -21.82 -6.39
CA GLY A 24 5.38 -22.08 -7.77
C GLY A 24 4.06 -21.47 -8.22
N ARG A 25 3.22 -22.30 -8.84
CA ARG A 25 2.00 -21.80 -9.50
C ARG A 25 1.07 -21.11 -8.52
N PHE A 26 0.87 -21.70 -7.33
CA PHE A 26 -0.05 -21.12 -6.36
C PHE A 26 0.39 -19.73 -5.93
N GLN A 27 1.69 -19.58 -5.63
CA GLN A 27 2.19 -18.29 -5.15
C GLN A 27 2.07 -17.22 -6.22
N TRP A 28 2.36 -17.56 -7.48
CA TRP A 28 2.26 -16.56 -8.55
C TRP A 28 0.81 -16.19 -8.84
N THR A 29 -0.11 -17.18 -8.78
CA THR A 29 -1.52 -16.87 -8.96
C THR A 29 -2.02 -15.93 -7.86
N LEU A 30 -1.67 -16.22 -6.61
CA LEU A 30 -2.04 -15.33 -5.51
C LEU A 30 -1.37 -13.97 -5.66
N TYR A 31 -0.15 -13.95 -6.19
CA TYR A 31 0.56 -12.70 -6.45
C TYR A 31 -0.23 -11.81 -7.40
N PHE A 32 -0.70 -12.38 -8.51
CA PHE A 32 -1.52 -11.59 -9.44
C PHE A 32 -2.84 -11.17 -8.81
N VAL A 33 -3.47 -12.07 -8.05
CA VAL A 33 -4.77 -11.76 -7.45
C VAL A 33 -4.65 -10.58 -6.49
N LEU A 34 -3.62 -10.57 -5.65
CA LEU A 34 -3.42 -9.47 -4.71
C LEU A 34 -2.88 -8.23 -5.41
N GLY A 35 -2.15 -8.41 -6.51
CA GLY A 35 -1.74 -7.27 -7.29
C GLY A 35 -2.91 -6.51 -7.88
N LEU A 36 -4.01 -7.21 -8.17
CA LEU A 36 -5.21 -6.50 -8.60
C LEU A 36 -5.69 -5.51 -7.54
N ALA A 37 -5.69 -5.92 -6.26
CA ALA A 37 -6.12 -5.02 -5.19
C ALA A 37 -5.12 -3.89 -4.99
N LEU A 38 -3.83 -4.18 -5.12
CA LEU A 38 -2.84 -3.11 -5.04
C LEU A 38 -3.01 -2.11 -6.18
N MET A 39 -3.35 -2.61 -7.37
CA MET A 39 -3.63 -1.73 -8.50
C MET A 39 -4.82 -0.83 -8.21
N ALA A 40 -5.87 -1.39 -7.61
CA ALA A 40 -7.02 -0.57 -7.21
C ALA A 40 -6.61 0.51 -6.21
N ASP A 41 -5.76 0.16 -5.25
CA ASP A 41 -5.27 1.14 -4.28
C ASP A 41 -4.50 2.26 -4.97
N GLY A 42 -3.63 1.90 -5.93
CA GLY A 42 -2.90 2.92 -6.67
C GLY A 42 -3.80 3.81 -7.48
N VAL A 43 -4.86 3.24 -8.07
CA VAL A 43 -5.84 4.04 -8.81
C VAL A 43 -6.48 5.06 -7.89
N GLU A 44 -6.89 4.62 -6.70
CA GLU A 44 -7.50 5.55 -5.75
C GLU A 44 -6.53 6.64 -5.33
N VAL A 45 -5.26 6.27 -5.10
CA VAL A 45 -4.27 7.26 -4.68
C VAL A 45 -4.09 8.32 -5.78
N PHE A 46 -3.99 7.89 -7.04
CA PHE A 46 -3.85 8.86 -8.12
C PHE A 46 -5.09 9.74 -8.24
N VAL A 47 -6.28 9.15 -8.14
CA VAL A 47 -7.51 9.93 -8.29
C VAL A 47 -7.58 11.01 -7.22
N VAL A 48 -7.22 10.66 -5.97
CA VAL A 48 -7.23 11.66 -4.91
C VAL A 48 -6.15 12.71 -5.14
N GLY A 49 -4.97 12.29 -5.60
CA GLY A 49 -3.85 13.19 -5.71
C GLY A 49 -3.89 14.18 -6.87
N PHE A 50 -4.45 13.80 -8.00
CA PHE A 50 -4.36 14.63 -9.20
C PHE A 50 -5.70 14.95 -9.85
N VAL A 51 -6.63 14.01 -9.90
CA VAL A 51 -7.87 14.22 -10.63
C VAL A 51 -8.76 15.21 -9.89
N LEU A 52 -9.04 14.93 -8.61
CA LEU A 52 -9.93 15.79 -7.83
C LEU A 52 -9.42 17.22 -7.70
N PRO A 53 -8.16 17.49 -7.36
CA PRO A 53 -7.72 18.89 -7.27
C PRO A 53 -7.91 19.67 -8.56
N SER A 54 -7.64 19.06 -9.70
CA SER A 54 -7.89 19.72 -10.98
C SER A 54 -9.38 19.89 -11.23
N ALA A 55 -10.18 18.90 -10.84
CA ALA A 55 -11.63 18.99 -11.03
C ALA A 55 -12.23 20.12 -10.21
N GLU A 56 -11.62 20.44 -9.07
CA GLU A 56 -12.13 21.53 -8.23
C GLU A 56 -12.16 22.86 -8.97
N LYS A 57 -11.22 23.07 -9.91
CA LYS A 57 -11.28 24.26 -10.74
C LYS A 57 -12.54 24.26 -11.62
N ASP A 58 -12.87 23.11 -12.20
CA ASP A 58 -14.03 23.02 -13.07
C ASP A 58 -15.33 23.13 -12.28
N MET A 59 -15.41 22.41 -11.16
CA MET A 59 -16.55 22.52 -10.23
C MET A 59 -16.34 23.78 -9.40
N CYS A 60 -16.90 24.88 -9.89
CA CYS A 60 -16.81 26.16 -9.21
C CYS A 60 -17.13 26.04 -7.74
N LEU A 61 -16.15 26.37 -6.89
CA LEU A 61 -16.25 26.15 -5.46
C LEU A 61 -15.70 27.35 -4.70
N SER A 62 -16.12 27.47 -3.45
CA SER A 62 -15.67 28.56 -2.59
C SER A 62 -14.22 28.33 -2.16
N ASP A 63 -13.60 29.40 -1.65
CA ASP A 63 -12.24 29.29 -1.14
C ASP A 63 -12.14 28.27 -0.01
N SER A 64 -13.21 28.12 0.77
CA SER A 64 -13.23 27.08 1.80
C SER A 64 -13.19 25.69 1.17
N ASN A 65 -13.88 25.50 0.05
CA ASN A 65 -13.97 24.19 -0.60
C ASN A 65 -12.91 24.01 -1.68
N LYS A 66 -11.64 24.18 -1.29
CA LYS A 66 -10.51 23.96 -2.20
C LYS A 66 -9.80 22.64 -1.94
N GLY A 67 -9.27 22.47 -0.73
CA GLY A 67 -8.59 21.23 -0.38
C GLY A 67 -9.50 20.12 0.05
N MET A 68 -10.80 20.41 0.21
CA MET A 68 -11.72 19.52 0.93
C MET A 68 -11.68 18.07 0.45
N LEU A 69 -11.86 17.85 -0.86
CA LEU A 69 -11.98 16.49 -1.37
C LEU A 69 -10.77 15.63 -1.01
N GLY A 70 -9.57 16.11 -1.34
CA GLY A 70 -8.38 15.30 -1.10
C GLY A 70 -8.12 15.07 0.37
N LEU A 71 -8.29 16.12 1.17
CA LEU A 71 -8.08 16.00 2.62
C LEU A 71 -9.02 14.97 3.23
N ILE A 72 -10.32 15.09 2.95
CA ILE A 72 -11.27 14.20 3.63
C ILE A 72 -11.13 12.77 3.15
N VAL A 73 -10.82 12.56 1.85
CA VAL A 73 -10.65 11.18 1.36
C VAL A 73 -9.38 10.57 1.93
N TYR A 74 -8.32 11.37 2.10
CA TYR A 74 -7.13 10.84 2.75
C TYR A 74 -7.40 10.51 4.21
N LEU A 75 -8.22 11.33 4.88
CA LEU A 75 -8.61 11.00 6.25
C LEU A 75 -9.40 9.71 6.31
N GLY A 76 -10.31 9.50 5.35
CA GLY A 76 -11.02 8.25 5.27
C GLY A 76 -10.11 7.07 5.02
N MET A 77 -9.12 7.23 4.14
CA MET A 77 -8.14 6.18 3.92
C MET A 77 -7.36 5.87 5.19
N MET A 78 -6.99 6.91 5.94
CA MET A 78 -6.28 6.73 7.20
C MET A 78 -7.13 5.95 8.20
N VAL A 79 -8.41 6.29 8.30
CA VAL A 79 -9.30 5.57 9.21
C VAL A 79 -9.45 4.12 8.77
N GLY A 80 -9.67 3.90 7.47
CA GLY A 80 -9.91 2.57 6.97
C GLY A 80 -8.71 1.65 7.08
N ALA A 81 -7.51 2.21 6.89
CA ALA A 81 -6.30 1.40 7.06
C ALA A 81 -6.24 0.80 8.46
N PHE A 82 -6.39 1.64 9.48
CA PHE A 82 -6.36 1.16 10.86
C PHE A 82 -7.50 0.19 11.12
N LEU A 83 -8.72 0.52 10.66
CA LEU A 83 -9.87 -0.32 10.92
C LEU A 83 -9.70 -1.71 10.34
N TRP A 84 -9.37 -1.80 9.05
CA TRP A 84 -9.27 -3.11 8.41
C TRP A 84 -8.01 -3.86 8.85
N GLY A 85 -6.92 -3.16 9.13
CA GLY A 85 -5.75 -3.83 9.68
C GLY A 85 -6.04 -4.46 11.04
N GLY A 86 -6.76 -3.74 11.90
CA GLY A 86 -7.15 -4.31 13.18
C GLY A 86 -8.10 -5.47 13.03
N LEU A 87 -9.08 -5.35 12.14
CA LEU A 87 -10.07 -6.42 11.98
C LEU A 87 -9.50 -7.65 11.26
N ALA A 88 -8.42 -7.50 10.51
CA ALA A 88 -7.84 -8.65 9.81
C ALA A 88 -7.23 -9.66 10.75
N ASP A 89 -6.76 -9.23 11.93
CA ASP A 89 -6.22 -10.15 12.91
C ASP A 89 -7.29 -10.93 13.66
N ARG A 90 -8.55 -10.51 13.56
CA ARG A 90 -9.65 -11.17 14.25
C ARG A 90 -10.56 -11.96 13.32
N LEU A 91 -10.81 -11.46 12.11
CA LEU A 91 -11.73 -12.10 11.18
C LEU A 91 -11.03 -12.85 10.06
N GLY A 92 -9.78 -12.50 9.75
CA GLY A 92 -9.06 -13.15 8.67
C GLY A 92 -8.64 -12.18 7.58
N ARG A 93 -7.54 -12.48 6.89
CA ARG A 93 -7.05 -11.58 5.85
C ARG A 93 -8.00 -11.54 4.67
N ARG A 94 -8.40 -12.72 4.17
CA ARG A 94 -9.27 -12.78 3.00
C ARG A 94 -10.63 -12.16 3.28
N GLN A 95 -11.21 -12.43 4.45
CA GLN A 95 -12.53 -11.92 4.78
C GLN A 95 -12.54 -10.40 4.81
N CYS A 96 -11.59 -9.80 5.54
CA CYS A 96 -11.55 -8.34 5.64
C CYS A 96 -11.16 -7.69 4.32
N LEU A 97 -10.27 -8.33 3.55
CA LEU A 97 -9.94 -7.79 2.23
C LEU A 97 -11.16 -7.79 1.32
N LEU A 98 -11.95 -8.87 1.34
CA LEU A 98 -13.16 -8.92 0.54
C LEU A 98 -14.15 -7.85 0.97
N ILE A 99 -14.33 -7.67 2.29
CA ILE A 99 -15.28 -6.67 2.78
C ILE A 99 -14.84 -5.27 2.38
N SER A 100 -13.55 -4.96 2.55
CA SER A 100 -13.06 -3.63 2.23
C SER A 100 -13.15 -3.35 0.73
N LEU A 101 -12.78 -4.33 -0.10
CA LEU A 101 -12.89 -4.14 -1.54
C LEU A 101 -14.34 -4.00 -1.98
N SER A 102 -15.25 -4.72 -1.34
CA SER A 102 -16.67 -4.58 -1.66
C SER A 102 -17.17 -3.19 -1.31
N VAL A 103 -16.78 -2.66 -0.14
CA VAL A 103 -17.19 -1.31 0.24
C VAL A 103 -16.65 -0.29 -0.76
N ASN A 104 -15.36 -0.42 -1.10
CA ASN A 104 -14.75 0.50 -2.05
C ASN A 104 -15.45 0.46 -3.40
N SER A 105 -15.70 -0.75 -3.92
CA SER A 105 -16.34 -0.87 -5.22
C SER A 105 -17.76 -0.33 -5.21
N VAL A 106 -18.53 -0.64 -4.15
CA VAL A 106 -19.92 -0.20 -4.09
C VAL A 106 -19.99 1.32 -4.05
N PHE A 107 -19.16 1.95 -3.21
CA PHE A 107 -19.26 3.39 -3.10
C PHE A 107 -18.61 4.12 -4.28
N ALA A 108 -17.60 3.53 -4.92
CA ALA A 108 -17.11 4.09 -6.17
C ALA A 108 -18.18 4.04 -7.25
N PHE A 109 -18.93 2.94 -7.32
CA PHE A 109 -20.04 2.85 -8.26
C PHE A 109 -21.13 3.88 -7.93
N PHE A 110 -21.44 4.04 -6.64
CA PHE A 110 -22.48 4.99 -6.24
C PHE A 110 -22.07 6.43 -6.55
N SER A 111 -20.78 6.75 -6.42
CA SER A 111 -20.34 8.13 -6.62
C SER A 111 -20.54 8.60 -8.05
N SER A 112 -20.74 7.70 -9.00
CA SER A 112 -20.90 8.10 -10.39
C SER A 112 -22.26 8.75 -10.65
N PHE A 113 -23.29 8.33 -9.93
CA PHE A 113 -24.66 8.76 -10.19
C PHE A 113 -25.08 9.95 -9.33
N VAL A 114 -24.20 10.45 -8.46
CA VAL A 114 -24.57 11.56 -7.59
C VAL A 114 -24.74 12.84 -8.40
N GLN A 115 -25.53 13.76 -7.86
CA GLN A 115 -25.82 15.04 -8.49
C GLN A 115 -25.50 16.19 -7.54
N GLY A 116 -24.43 16.06 -6.75
CA GLY A 116 -24.07 17.09 -5.80
C GLY A 116 -22.65 16.93 -5.35
N TYR A 117 -22.04 18.05 -4.97
CA TYR A 117 -20.65 18.03 -4.49
C TYR A 117 -20.55 17.36 -3.12
N GLY A 118 -21.51 17.62 -2.22
CA GLY A 118 -21.47 17.00 -0.91
C GLY A 118 -21.68 15.50 -0.97
N THR A 119 -22.64 15.05 -1.79
CA THR A 119 -22.87 13.62 -1.93
C THR A 119 -21.65 12.93 -2.55
N PHE A 120 -21.01 13.57 -3.52
CA PHE A 120 -19.78 13.04 -4.08
C PHE A 120 -18.68 12.95 -3.02
N LEU A 121 -18.56 13.99 -2.18
CA LEU A 121 -17.61 13.95 -1.08
C LEU A 121 -17.87 12.75 -0.18
N PHE A 122 -19.14 12.54 0.18
CA PHE A 122 -19.50 11.44 1.08
C PHE A 122 -19.17 10.09 0.47
N CYS A 123 -19.57 9.88 -0.79
CA CYS A 123 -19.32 8.60 -1.45
C CYS A 123 -17.83 8.35 -1.61
N ARG A 124 -17.07 9.37 -2.00
CA ARG A 124 -15.63 9.19 -2.17
C ARG A 124 -14.92 8.99 -0.85
N LEU A 125 -15.40 9.63 0.22
CA LEU A 125 -14.85 9.37 1.56
C LEU A 125 -15.06 7.92 1.97
N LEU A 126 -16.26 7.39 1.74
CA LEU A 126 -16.52 5.99 2.10
C LEU A 126 -15.73 5.04 1.21
N SER A 127 -15.55 5.39 -0.07
CA SER A 127 -14.71 4.58 -0.94
C SER A 127 -13.26 4.58 -0.46
N GLY A 128 -12.76 5.73 -0.01
CA GLY A 128 -11.43 5.77 0.57
C GLY A 128 -11.30 4.94 1.83
N VAL A 129 -12.34 4.98 2.68
CA VAL A 129 -12.36 4.13 3.86
C VAL A 129 -12.25 2.66 3.45
N GLY A 130 -13.01 2.26 2.43
CA GLY A 130 -12.93 0.88 1.96
C GLY A 130 -11.56 0.53 1.41
N ILE A 131 -10.95 1.42 0.63
CA ILE A 131 -9.69 1.11 -0.03
C ILE A 131 -8.48 1.24 0.88
N GLY A 132 -8.61 1.91 2.03
CA GLY A 132 -7.44 2.15 2.87
C GLY A 132 -6.77 0.90 3.41
N GLY A 133 -7.54 -0.17 3.61
CA GLY A 133 -7.03 -1.38 4.22
C GLY A 133 -6.33 -2.35 3.31
N SER A 134 -6.18 -2.04 2.02
CA SER A 134 -5.66 -3.02 1.06
C SER A 134 -4.21 -3.37 1.33
N ILE A 135 -3.34 -2.36 1.48
CA ILE A 135 -1.89 -2.62 1.50
C ILE A 135 -1.46 -3.51 2.66
N PRO A 136 -1.81 -3.21 3.93
CA PRO A 136 -1.36 -4.10 5.01
C PRO A 136 -1.89 -5.52 4.87
N ILE A 137 -3.18 -5.65 4.55
CA ILE A 137 -3.79 -6.97 4.42
C ILE A 137 -3.14 -7.74 3.28
N VAL A 138 -2.95 -7.09 2.13
CA VAL A 138 -2.36 -7.76 0.98
C VAL A 138 -0.94 -8.23 1.30
N PHE A 139 -0.14 -7.37 1.91
CA PHE A 139 1.25 -7.73 2.19
C PHE A 139 1.34 -8.87 3.20
N SER A 140 0.57 -8.81 4.29
CA SER A 140 0.59 -9.89 5.26
C SER A 140 0.06 -11.19 4.67
N TYR A 141 -1.03 -11.10 3.90
CA TYR A 141 -1.63 -12.27 3.26
C TYR A 141 -0.63 -12.96 2.35
N PHE A 142 0.09 -12.20 1.53
CA PHE A 142 1.04 -12.81 0.62
C PHE A 142 2.27 -13.33 1.35
N SER A 143 2.72 -12.61 2.39
CA SER A 143 3.90 -13.05 3.13
C SER A 143 3.64 -14.35 3.89
N GLU A 144 2.40 -14.57 4.33
CA GLU A 144 2.15 -15.82 5.06
C GLU A 144 2.11 -17.07 4.16
N PHE A 145 2.52 -16.97 2.88
CA PHE A 145 2.64 -18.12 2.00
C PHE A 145 4.07 -18.32 1.49
N LEU A 146 5.02 -17.52 1.96
CA LEU A 146 6.37 -17.51 1.43
C LEU A 146 7.36 -18.05 2.46
N ALA A 147 8.23 -18.95 2.01
CA ALA A 147 9.30 -19.46 2.86
C ALA A 147 10.35 -18.38 3.11
N GLN A 148 11.14 -18.58 4.17
CA GLN A 148 12.12 -17.59 4.58
C GLN A 148 13.23 -17.40 3.54
N GLU A 149 13.46 -18.38 2.67
CA GLU A 149 14.58 -18.32 1.74
C GLU A 149 14.45 -17.16 0.78
N LYS A 150 13.26 -16.95 0.20
CA LYS A 150 13.07 -15.96 -0.84
C LYS A 150 11.81 -15.12 -0.59
N ARG A 151 11.42 -14.96 0.68
CA ARG A 151 10.25 -14.15 0.99
C ARG A 151 10.44 -12.70 0.58
N GLY A 152 11.62 -12.14 0.83
CA GLY A 152 11.87 -10.75 0.50
C GLY A 152 11.83 -10.48 -1.00
N GLU A 153 12.42 -11.37 -1.79
CA GLU A 153 12.42 -11.20 -3.24
C GLU A 153 11.00 -11.21 -3.79
N HIS A 154 10.17 -12.14 -3.31
CA HIS A 154 8.80 -12.21 -3.81
C HIS A 154 7.94 -11.06 -3.31
N LEU A 155 8.24 -10.53 -2.11
CA LEU A 155 7.51 -9.37 -1.61
C LEU A 155 7.92 -8.09 -2.32
N SER A 156 9.15 -8.03 -2.83
CA SER A 156 9.65 -6.80 -3.44
C SER A 156 8.94 -6.46 -4.74
N TRP A 157 8.34 -7.46 -5.41
CA TRP A 157 7.71 -7.24 -6.71
C TRP A 157 6.26 -6.82 -6.61
N LEU A 158 5.74 -6.60 -5.39
CA LEU A 158 4.32 -6.32 -5.22
C LEU A 158 3.95 -4.88 -5.61
N CYS A 159 4.88 -3.94 -5.53
CA CYS A 159 4.58 -2.53 -5.79
C CYS A 159 4.43 -2.20 -7.28
N MET A 160 4.85 -3.10 -8.17
CA MET A 160 4.65 -2.86 -9.59
C MET A 160 3.17 -2.74 -9.93
N PHE A 161 2.31 -3.44 -9.19
CA PHE A 161 0.88 -3.32 -9.42
C PHE A 161 0.35 -1.97 -8.97
N TRP A 162 0.88 -1.44 -7.87
CA TRP A 162 0.51 -0.09 -7.44
C TRP A 162 0.91 0.94 -8.49
N MET A 163 2.12 0.80 -9.04
CA MET A 163 2.57 1.69 -10.10
C MET A 163 1.68 1.56 -11.34
N ILE A 164 1.33 0.32 -11.71
CA ILE A 164 0.47 0.10 -12.87
C ILE A 164 -0.92 0.70 -12.63
N GLY A 165 -1.41 0.63 -11.40
CA GLY A 165 -2.68 1.26 -11.10
C GLY A 165 -2.63 2.76 -11.25
N GLY A 166 -1.55 3.39 -10.78
CA GLY A 166 -1.40 4.81 -11.01
C GLY A 166 -1.34 5.17 -12.48
N VAL A 167 -0.60 4.38 -13.27
CA VAL A 167 -0.51 4.63 -14.70
C VAL A 167 -1.87 4.46 -15.37
N TYR A 168 -2.62 3.43 -14.96
CA TYR A 168 -3.95 3.19 -15.52
C TYR A 168 -4.89 4.35 -15.21
N ALA A 169 -4.86 4.85 -13.97
CA ALA A 169 -5.68 5.98 -13.62
C ALA A 169 -5.30 7.22 -14.42
N ALA A 170 -3.99 7.46 -14.60
CA ALA A 170 -3.55 8.61 -15.39
C ALA A 170 -4.00 8.48 -16.84
N ALA A 171 -3.87 7.29 -17.43
CA ALA A 171 -4.27 7.10 -18.81
C ALA A 171 -5.77 7.28 -18.99
N MET A 172 -6.57 6.75 -18.06
CA MET A 172 -8.01 6.92 -18.16
C MET A 172 -8.42 8.37 -17.94
N ALA A 173 -7.72 9.10 -17.06
CA ALA A 173 -8.00 10.51 -16.89
C ALA A 173 -7.68 11.29 -18.16
N TRP A 174 -6.56 10.97 -18.80
CA TRP A 174 -6.20 11.67 -20.04
C TRP A 174 -7.17 11.34 -21.16
N ALA A 175 -7.63 10.10 -21.24
CA ALA A 175 -8.50 9.70 -22.35
C ALA A 175 -9.93 10.16 -22.14
N ILE A 176 -10.55 9.76 -21.03
CA ILE A 176 -11.98 10.00 -20.84
C ILE A 176 -12.25 11.48 -20.60
N ILE A 177 -11.46 12.13 -19.75
CA ILE A 177 -11.73 13.51 -19.39
C ILE A 177 -10.50 14.39 -19.57
N PRO A 178 -10.08 14.68 -20.80
CA PRO A 178 -8.99 15.65 -20.99
C PRO A 178 -9.50 17.09 -21.05
N HIS A 179 -8.98 17.94 -20.18
CA HIS A 179 -9.33 19.38 -20.12
C HIS A 179 -10.83 19.60 -20.29
N TYR A 180 -11.61 18.90 -19.48
CA TYR A 180 -13.06 18.97 -19.53
C TYR A 180 -13.62 19.60 -18.26
N GLY A 181 -14.89 19.96 -18.31
CA GLY A 181 -15.56 20.60 -17.20
C GLY A 181 -16.30 19.62 -16.29
N TRP A 182 -15.71 19.31 -15.14
CA TRP A 182 -16.32 18.45 -14.14
C TRP A 182 -17.49 19.18 -13.50
N SER A 183 -18.70 18.85 -13.92
CA SER A 183 -19.90 19.50 -13.42
C SER A 183 -20.95 18.46 -13.05
N PHE A 184 -21.67 18.74 -11.96
CA PHE A 184 -22.74 17.87 -11.51
C PHE A 184 -24.10 18.22 -12.09
N GLY A 187 -24.51 18.35 -17.11
CA GLY A 187 -23.85 18.74 -18.34
C GLY A 187 -23.05 17.62 -18.97
N SER A 188 -22.46 16.74 -18.16
CA SER A 188 -21.70 15.63 -18.72
C SER A 188 -22.62 14.64 -19.43
N ALA A 189 -23.80 14.37 -18.87
CA ALA A 189 -24.81 13.50 -19.47
C ALA A 189 -24.29 12.10 -19.78
N TYR A 190 -23.15 11.72 -19.17
CA TYR A 190 -22.57 10.39 -19.36
C TYR A 190 -22.32 10.07 -20.83
N GLN A 191 -21.92 11.08 -21.59
CA GLN A 191 -21.61 10.91 -23.01
C GLN A 191 -20.16 10.44 -23.20
N PHE A 192 -19.81 9.32 -22.56
CA PHE A 192 -18.48 8.72 -22.64
C PHE A 192 -17.40 9.65 -22.10
N HIS A 193 -17.20 10.81 -22.70
CA HIS A 193 -16.23 11.78 -22.21
C HIS A 193 -16.79 12.51 -20.99
N SER A 194 -17.07 11.74 -19.95
CA SER A 194 -17.70 12.26 -18.75
C SER A 194 -16.93 11.82 -17.51
N TRP A 195 -17.02 12.64 -16.46
CA TRP A 195 -16.41 12.25 -15.20
C TRP A 195 -17.13 11.07 -14.57
N ARG A 196 -18.43 10.93 -14.84
CA ARG A 196 -19.14 9.74 -14.38
C ARG A 196 -18.59 8.49 -15.03
N VAL A 197 -18.30 8.56 -16.33
CA VAL A 197 -17.71 7.42 -17.03
C VAL A 197 -16.30 7.16 -16.50
N PHE A 198 -15.54 8.23 -16.22
CA PHE A 198 -14.20 8.07 -15.66
C PHE A 198 -14.25 7.36 -14.30
N VAL A 199 -15.19 7.76 -13.44
CA VAL A 199 -15.33 7.14 -12.13
C VAL A 199 -15.74 5.67 -12.28
N LEU A 200 -16.66 5.39 -13.21
CA LEU A 200 -17.07 4.00 -13.43
C LEU A 200 -15.90 3.14 -13.93
N VAL A 201 -15.09 3.68 -14.84
CA VAL A 201 -13.95 2.93 -15.37
C VAL A 201 -12.89 2.72 -14.29
N CYS A 202 -12.69 3.70 -13.41
CA CYS A 202 -11.69 3.55 -12.35
C CYS A 202 -12.05 2.47 -11.34
N ALA A 203 -13.31 2.03 -11.30
CA ALA A 203 -13.74 1.01 -10.36
C ALA A 203 -13.54 -0.41 -10.86
N PHE A 204 -13.17 -0.59 -12.12
CA PHE A 204 -12.99 -1.94 -12.66
C PHE A 204 -11.90 -2.74 -11.94
N PRO A 205 -10.72 -2.20 -11.62
CA PRO A 205 -9.72 -3.03 -10.93
C PRO A 205 -10.21 -3.60 -9.61
N SER A 206 -11.02 -2.84 -8.85
CA SER A 206 -11.52 -3.35 -7.59
C SER A 206 -12.50 -4.51 -7.79
N VAL A 207 -13.38 -4.40 -8.79
CA VAL A 207 -14.31 -5.47 -9.09
C VAL A 207 -13.56 -6.73 -9.53
N PHE A 208 -12.56 -6.56 -10.39
CA PHE A 208 -11.76 -7.71 -10.81
C PHE A 208 -10.99 -8.31 -9.64
N ALA A 209 -10.52 -7.47 -8.72
CA ALA A 209 -9.83 -7.97 -7.54
C ALA A 209 -10.77 -8.81 -6.66
N ILE A 210 -12.01 -8.34 -6.49
CA ILE A 210 -12.99 -9.12 -5.71
C ILE A 210 -13.24 -10.46 -6.40
N GLY A 211 -13.46 -10.42 -7.72
CA GLY A 211 -13.73 -11.66 -8.45
C GLY A 211 -12.61 -12.66 -8.35
N ALA A 212 -11.36 -12.19 -8.48
CA ALA A 212 -10.21 -13.08 -8.37
C ALA A 212 -10.04 -13.59 -6.94
N LEU A 213 -10.22 -12.71 -5.96
CA LEU A 213 -10.00 -13.08 -4.57
C LEU A 213 -11.03 -14.08 -4.08
N THR A 214 -12.24 -14.09 -4.66
CA THR A 214 -13.22 -15.10 -4.28
C THR A 214 -12.74 -16.52 -4.53
N THR A 215 -11.76 -16.71 -5.42
CA THR A 215 -11.25 -18.03 -5.74
C THR A 215 -10.10 -18.47 -4.84
N GLN A 216 -9.50 -17.55 -4.06
CA GLN A 216 -8.31 -17.92 -3.28
C GLN A 216 -8.69 -18.35 -1.87
N PRO A 217 -7.87 -19.19 -1.24
CA PRO A 217 -8.18 -19.65 0.11
C PRO A 217 -7.65 -18.71 1.18
N GLU A 218 -8.24 -18.82 2.38
CA GLU A 218 -7.79 -18.05 3.52
C GLU A 218 -6.40 -18.50 3.96
N SER A 219 -5.67 -17.57 4.57
CA SER A 219 -4.31 -17.84 5.03
C SER A 219 -4.30 -18.94 6.08
N PRO A 220 -3.54 -20.01 5.90
CA PRO A 220 -3.52 -21.08 6.91
C PRO A 220 -2.81 -20.68 8.20
N ARG A 221 -1.94 -19.67 8.17
CA ARG A 221 -1.33 -19.19 9.41
C ARG A 221 -2.39 -18.59 10.33
N PHE A 222 -3.35 -17.86 9.76
CA PHE A 222 -4.45 -17.34 10.56
C PHE A 222 -5.27 -18.46 11.18
N PHE A 223 -5.53 -19.53 10.41
CA PHE A 223 -6.25 -20.67 10.96
C PHE A 223 -5.49 -21.33 12.10
N LEU A 224 -4.18 -21.50 11.92
CA LEU A 224 -3.37 -22.16 12.95
C LEU A 224 -3.28 -21.32 14.21
N GLU A 225 -3.16 -20.00 14.06
CA GLU A 225 -3.10 -19.10 15.20
C GLU A 225 -4.43 -19.03 15.96
N ASN A 226 -5.52 -19.52 15.37
CA ASN A 226 -6.85 -19.44 15.97
C ASN A 226 -7.47 -20.80 16.20
N GLY A 227 -6.67 -21.87 16.22
CA GLY A 227 -7.16 -23.17 16.59
C GLY A 227 -7.96 -23.91 15.54
N LYS A 228 -7.83 -23.54 14.27
CA LYS A 228 -8.52 -24.23 13.17
C LYS A 228 -7.49 -25.08 12.42
N HIS A 229 -7.29 -26.32 12.91
CA HIS A 229 -6.26 -27.18 12.34
C HIS A 229 -6.68 -27.71 10.97
N ASP A 230 -7.92 -28.18 10.83
CA ASP A 230 -8.31 -28.89 9.62
C ASP A 230 -8.36 -27.97 8.41
N GLU A 231 -8.87 -26.75 8.59
CA GLU A 231 -8.91 -25.79 7.48
C GLU A 231 -7.50 -25.45 7.00
N ALA A 232 -6.58 -25.22 7.94
CA ALA A 232 -5.21 -24.93 7.57
C ALA A 232 -4.55 -26.11 6.87
N TRP A 233 -4.83 -27.32 7.36
CA TRP A 233 -4.28 -28.52 6.72
C TRP A 233 -4.79 -28.65 5.29
N MET A 234 -6.09 -28.41 5.08
CA MET A 234 -6.65 -28.47 3.74
C MET A 234 -6.03 -27.42 2.81
N VAL A 235 -5.85 -26.19 3.32
CA VAL A 235 -5.25 -25.14 2.50
C VAL A 235 -3.82 -25.50 2.13
N LEU A 236 -3.04 -26.00 3.10
CA LEU A 236 -1.66 -26.37 2.82
C LEU A 236 -1.59 -27.54 1.84
N LYS A 237 -2.49 -28.50 1.97
CA LYS A 237 -2.53 -29.61 1.01
C LYS A 237 -2.87 -29.10 -0.39
N GLN A 238 -3.79 -28.13 -0.48
CA GLN A 238 -4.11 -27.53 -1.77
C GLN A 238 -2.88 -26.86 -2.37
N VAL A 239 -2.14 -26.09 -1.58
CA VAL A 239 -0.94 -25.43 -2.08
C VAL A 239 0.08 -26.45 -2.57
N HIS A 240 0.32 -27.50 -1.77
CA HIS A 240 1.28 -28.52 -2.14
C HIS A 240 0.87 -29.23 -3.42
N ASP A 241 -0.41 -29.62 -3.51
CA ASP A 241 -0.88 -30.34 -4.69
C ASP A 241 -0.80 -29.47 -5.94
N THR A 242 -1.16 -28.18 -5.83
CA THR A 242 -1.07 -27.29 -6.97
C THR A 242 0.38 -27.15 -7.42
N ASN A 243 1.30 -26.91 -6.49
CA ASN A 243 2.70 -26.73 -6.85
C ASN A 243 3.28 -27.99 -7.48
N MET A 244 2.97 -29.16 -6.92
CA MET A 244 3.55 -30.39 -7.43
C MET A 244 2.95 -30.81 -8.77
N ARG A 245 1.64 -30.60 -8.94
CA ARG A 245 1.01 -30.91 -10.23
C ARG A 245 1.50 -29.96 -11.31
N ALA A 246 1.73 -28.69 -10.97
CA ALA A 246 2.27 -27.75 -11.94
C ALA A 246 3.67 -28.15 -12.40
N LYS A 247 4.49 -28.65 -11.49
CA LYS A 247 5.87 -28.99 -11.79
C LYS A 247 6.03 -30.37 -12.43
N GLY A 248 4.94 -31.09 -12.67
CA GLY A 248 5.02 -32.39 -13.31
C GLY A 248 5.23 -33.56 -12.37
N HIS A 249 4.91 -33.40 -11.09
CA HIS A 249 5.08 -34.47 -10.10
C HIS A 249 3.76 -34.67 -9.35
N PRO A 250 2.73 -35.18 -10.03
CA PRO A 250 1.46 -35.41 -9.34
C PRO A 250 1.48 -36.58 -8.38
N GLU A 251 2.50 -37.43 -8.43
CA GLU A 251 2.57 -38.61 -7.58
C GLU A 251 3.01 -38.30 -6.15
N ARG A 252 3.55 -37.10 -5.91
CA ARG A 252 3.98 -36.74 -4.57
C ARG A 252 2.78 -36.55 -3.65
N VAL A 253 2.92 -37.02 -2.41
CA VAL A 253 1.83 -37.04 -1.43
C VAL A 253 2.17 -36.11 -0.29
N PHE A 254 1.21 -35.26 0.08
CA PHE A 254 1.37 -34.38 1.23
C PHE A 254 1.53 -35.19 2.51
N SER A 255 2.71 -35.09 3.13
CA SER A 255 3.08 -35.97 4.24
C SER A 255 2.77 -35.41 5.61
N VAL A 256 2.32 -34.15 5.70
CA VAL A 256 2.06 -33.54 7.00
C VAL A 256 0.86 -34.20 7.66
N THR A 257 1.02 -34.61 8.92
CA THR A 257 -0.05 -35.29 9.66
C THR A 257 -0.76 -34.37 10.63
N HIS A 258 0.00 -33.74 11.54
CA HIS A 258 -0.58 -32.86 12.54
C HIS A 258 0.26 -31.59 12.64
N ILE A 259 -0.42 -30.45 12.80
CA ILE A 259 0.22 -29.14 12.87
C ILE A 259 -0.11 -28.50 14.20
N LYS A 260 0.88 -27.85 14.81
CA LYS A 260 0.67 -27.14 16.07
C LYS A 260 -0.41 -26.07 15.90
N THR A 261 -1.32 -26.00 16.87
CA THR A 261 -2.39 -25.01 16.87
C THR A 261 -2.41 -24.28 18.20
N ILE A 262 -2.84 -23.02 18.14
CA ILE A 262 -2.91 -22.16 19.31
C ILE A 262 -4.36 -22.06 19.76
N HIS A 263 -4.60 -22.35 21.04
CA HIS A 263 -5.96 -22.32 21.59
C HIS A 263 -6.04 -21.36 22.77
N THR A 277 -32.39 -9.57 22.28
CA THR A 277 -32.69 -9.16 20.91
C THR A 277 -31.46 -9.35 20.02
N TRP A 278 -31.66 -9.22 18.70
CA TRP A 278 -30.56 -9.37 17.76
C TRP A 278 -29.53 -8.26 17.93
N TYR A 279 -29.98 -7.02 18.14
CA TYR A 279 -29.03 -5.92 18.23
C TYR A 279 -28.20 -5.98 19.50
N GLN A 280 -28.74 -6.56 20.58
CA GLN A 280 -27.93 -6.74 21.78
C GLN A 280 -26.79 -7.73 21.53
N ARG A 281 -27.08 -8.84 20.85
CA ARG A 281 -26.03 -9.80 20.52
C ARG A 281 -25.00 -9.19 19.57
N TRP A 282 -25.46 -8.44 18.57
CA TRP A 282 -24.53 -7.76 17.67
C TRP A 282 -23.68 -6.76 18.45
N GLY A 283 -24.28 -6.05 19.42
CA GLY A 283 -23.53 -5.10 20.21
C GLY A 283 -22.46 -5.75 21.05
N VAL A 284 -22.79 -6.85 21.72
CA VAL A 284 -21.79 -7.51 22.55
C VAL A 284 -20.67 -8.11 21.70
N ARG A 285 -21.01 -8.67 20.53
CA ARG A 285 -19.98 -9.20 19.65
C ARG A 285 -19.08 -8.09 19.11
N ALA A 286 -19.67 -6.95 18.74
CA ALA A 286 -18.87 -5.83 18.24
C ALA A 286 -18.00 -5.23 19.34
N LEU A 287 -18.51 -5.19 20.57
CA LEU A 287 -17.70 -4.72 21.69
C LEU A 287 -16.53 -5.66 21.95
N SER A 288 -16.76 -6.97 21.86
CA SER A 288 -15.66 -7.92 22.01
C SER A 288 -14.61 -7.72 20.92
N LEU A 289 -15.06 -7.54 19.67
CA LEU A 289 -14.13 -7.31 18.58
C LEU A 289 -13.34 -6.02 18.79
N GLY A 290 -14.01 -4.95 19.21
CA GLY A 290 -13.32 -3.70 19.45
C GLY A 290 -12.30 -3.80 20.58
N GLY A 291 -12.67 -4.49 21.65
CA GLY A 291 -11.72 -4.70 22.74
C GLY A 291 -10.51 -5.50 22.31
N GLN A 292 -10.72 -6.54 21.50
CA GLN A 292 -9.59 -7.33 21.01
C GLN A 292 -8.69 -6.50 20.11
N VAL A 293 -9.28 -5.69 19.23
CA VAL A 293 -8.48 -4.84 18.34
C VAL A 293 -7.68 -3.81 19.15
N TRP A 294 -8.32 -3.20 20.14
CA TRP A 294 -7.62 -2.22 20.97
C TRP A 294 -6.49 -2.86 21.78
N GLY A 295 -6.72 -4.07 22.30
CA GLY A 295 -5.65 -4.77 22.99
C GLY A 295 -4.49 -5.10 22.08
N ASN A 296 -4.78 -5.55 20.85
CA ASN A 296 -3.71 -5.81 19.90
C ASN A 296 -2.94 -4.55 19.56
N PHE A 297 -3.64 -3.43 19.42
CA PHE A 297 -2.96 -2.16 19.14
C PHE A 297 -2.08 -1.74 20.31
N LEU A 298 -2.58 -1.85 21.54
CA LEU A 298 -1.80 -1.47 22.70
C LEU A 298 -0.62 -2.41 22.94
N SER A 299 -0.70 -3.65 22.47
CA SER A 299 0.42 -4.58 22.65
C SER A 299 1.65 -4.13 21.85
N CYS A 300 1.46 -3.36 20.78
CA CYS A 300 2.58 -2.89 19.98
C CYS A 300 3.46 -1.90 20.74
N PHE A 301 2.95 -1.31 21.82
CA PHE A 301 3.72 -0.36 22.63
C PHE A 301 4.16 -0.98 23.95
N GLY A 302 4.14 -2.31 24.06
CA GLY A 302 4.65 -2.97 25.22
C GLY A 302 6.16 -2.94 25.28
N PRO A 303 6.72 -3.49 26.36
CA PRO A 303 8.19 -3.45 26.51
C PRO A 303 8.95 -4.14 25.40
N GLU A 304 8.35 -5.15 24.77
CA GLU A 304 9.04 -5.88 23.70
C GLU A 304 9.06 -5.12 22.38
N TYR A 305 8.00 -4.37 22.07
CA TYR A 305 7.83 -3.79 20.75
C TYR A 305 7.77 -2.26 20.72
N ARG A 306 7.86 -1.58 21.88
CA ARG A 306 7.68 -0.13 21.90
C ARG A 306 8.77 0.57 21.09
N ARG A 307 10.04 0.22 21.33
CA ARG A 307 11.13 0.88 20.63
C ARG A 307 11.06 0.63 19.13
N ILE A 308 10.80 -0.61 18.73
CA ILE A 308 10.66 -0.95 17.32
C ILE A 308 9.50 -0.17 16.71
N THR A 309 8.38 -0.09 17.43
CA THR A 309 7.22 0.62 16.91
C THR A 309 7.54 2.10 16.69
N LEU A 310 8.22 2.73 17.66
CA LEU A 310 8.56 4.14 17.53
C LEU A 310 9.51 4.38 16.36
N MET A 311 10.53 3.53 16.20
CA MET A 311 11.47 3.71 15.09
C MET A 311 10.78 3.49 13.74
N MET A 312 9.92 2.48 13.64
CA MET A 312 9.19 2.25 12.41
C MET A 312 8.25 3.41 12.10
N MET A 313 7.59 3.95 13.12
CA MET A 313 6.76 5.13 12.94
C MET A 313 7.57 6.28 12.37
N GLY A 314 8.73 6.55 12.94
CA GLY A 314 9.55 7.65 12.44
C GLY A 314 9.98 7.45 11.00
N VAL A 315 10.45 6.26 10.66
CA VAL A 315 10.94 6.01 9.30
C VAL A 315 9.80 6.11 8.30
N TRP A 316 8.67 5.46 8.59
CA TRP A 316 7.53 5.51 7.68
C TRP A 316 7.05 6.94 7.49
N PHE A 317 6.93 7.70 8.59
CA PHE A 317 6.45 9.07 8.50
C PHE A 317 7.38 9.93 7.66
N THR A 318 8.69 9.82 7.90
CA THR A 318 9.63 10.65 7.15
C THR A 318 9.60 10.32 5.66
N MET A 319 9.60 9.02 5.31
CA MET A 319 9.61 8.65 3.90
C MET A 319 8.33 9.09 3.20
N SER A 320 7.17 8.82 3.82
CA SER A 320 5.92 9.22 3.20
C SER A 320 5.81 10.72 3.07
N PHE A 321 6.23 11.46 4.10
CA PHE A 321 6.18 12.91 4.05
C PHE A 321 7.02 13.45 2.91
N SER A 322 8.26 12.99 2.78
CA SER A 322 9.12 13.47 1.72
C SER A 322 8.56 13.12 0.34
N TYR A 323 8.10 11.88 0.16
CA TYR A 323 7.60 11.46 -1.14
C TYR A 323 6.38 12.28 -1.54
N TYR A 324 5.40 12.42 -0.64
CA TYR A 324 4.18 13.11 -1.02
C TYR A 324 4.36 14.63 -1.07
N GLY A 325 5.38 15.17 -0.40
CA GLY A 325 5.75 16.55 -0.67
C GLY A 325 6.31 16.73 -2.06
N LEU A 326 7.20 15.82 -2.49
CA LEU A 326 7.77 15.92 -3.82
C LEU A 326 6.73 15.71 -4.90
N THR A 327 5.72 14.86 -4.66
CA THR A 327 4.71 14.61 -5.67
C THR A 327 3.90 15.86 -6.03
N VAL A 328 3.84 16.85 -5.13
CA VAL A 328 3.11 18.07 -5.43
C VAL A 328 4.10 19.19 -5.77
N TRP A 329 5.34 19.06 -5.30
CA TRP A 329 6.35 20.05 -5.65
C TRP A 329 6.76 19.94 -7.10
N PHE A 330 6.92 18.71 -7.62
CA PHE A 330 7.46 18.54 -8.96
C PHE A 330 6.57 19.10 -10.06
N PRO A 331 5.26 18.81 -10.12
CA PRO A 331 4.44 19.37 -11.21
C PRO A 331 4.40 20.89 -11.24
N ASP A 332 4.40 21.54 -10.06
CA ASP A 332 4.41 22.99 -10.03
C ASP A 332 5.73 23.53 -10.57
N MET A 333 6.84 22.86 -10.28
CA MET A 333 8.13 23.26 -10.85
C MET A 333 8.15 23.07 -12.35
N ILE A 334 7.54 21.98 -12.85
CA ILE A 334 7.47 21.77 -14.29
C ILE A 334 6.66 22.87 -14.96
N ARG A 335 5.52 23.24 -14.34
CA ARG A 335 4.71 24.32 -14.88
C ARG A 335 5.48 25.65 -14.86
N HIS A 336 6.23 25.90 -13.79
CA HIS A 336 7.03 27.13 -13.72
C HIS A 336 8.09 27.16 -14.81
N LEU A 337 8.78 26.04 -15.04
CA LEU A 337 9.78 25.99 -16.10
C LEU A 337 9.14 26.20 -17.47
N GLN A 338 7.98 25.58 -17.70
CA GLN A 338 7.29 25.78 -18.98
C GLN A 338 6.88 27.24 -19.16
N ALA A 339 6.40 27.88 -18.09
CA ALA A 339 6.02 29.29 -18.18
C ALA A 339 7.22 30.18 -18.46
N VAL A 340 8.35 29.90 -17.81
CA VAL A 340 9.55 30.69 -18.05
C VAL A 340 10.03 30.52 -19.49
N ASP A 341 10.01 29.29 -20.01
CA ASP A 341 10.38 29.06 -21.40
C ASP A 341 9.42 29.78 -22.35
N TYR A 342 8.12 29.73 -22.05
CA TYR A 342 7.12 30.36 -22.90
C TYR A 342 7.30 31.88 -22.94
N ALA A 343 7.59 32.48 -21.80
CA ALA A 343 7.73 33.93 -21.72
C ALA A 343 9.03 34.43 -22.36
N SER A 344 9.94 33.54 -22.72
CA SER A 344 11.20 33.95 -23.33
C SER A 344 10.98 34.53 -24.73
N GLY A 455 -1.62 19.22 -19.79
CA GLY A 455 -1.74 19.11 -18.34
C GLY A 455 -1.87 17.68 -17.85
N ALA A 456 -2.99 17.04 -18.19
CA ALA A 456 -3.19 15.64 -17.80
C ALA A 456 -2.19 14.73 -18.51
N TYR A 457 -1.89 15.02 -19.77
CA TYR A 457 -0.93 14.19 -20.51
C TYR A 457 0.46 14.27 -19.91
N MET A 458 0.86 15.43 -19.40
CA MET A 458 2.16 15.56 -18.74
C MET A 458 2.22 14.66 -17.51
N VAL A 459 1.16 14.65 -16.70
CA VAL A 459 1.13 13.80 -15.53
C VAL A 459 1.16 12.33 -15.92
N TYR A 460 0.42 11.96 -16.96
CA TYR A 460 0.42 10.57 -17.42
C TYR A 460 1.80 10.15 -17.90
N PHE A 461 2.46 11.02 -18.68
CA PHE A 461 3.80 10.71 -19.18
C PHE A 461 4.80 10.58 -18.04
N VAL A 462 4.73 11.48 -17.05
CA VAL A 462 5.64 11.41 -15.92
C VAL A 462 5.39 10.14 -15.10
N SER A 463 4.11 9.76 -14.94
CA SER A 463 3.81 8.53 -14.23
C SER A 463 4.33 7.30 -14.96
N PHE A 464 4.20 7.28 -16.29
CA PHE A 464 4.73 6.17 -17.06
C PHE A 464 6.26 6.09 -16.95
N LEU A 465 6.92 7.24 -17.03
CA LEU A 465 8.38 7.24 -16.89
C LEU A 465 8.80 6.81 -15.49
N GLY A 466 8.06 7.22 -14.46
CA GLY A 466 8.38 6.78 -13.11
C GLY A 466 8.20 5.29 -12.93
N THR A 467 7.14 4.73 -13.52
CA THR A 467 6.95 3.29 -13.47
C THR A 467 8.08 2.56 -14.18
N LEU A 468 8.54 3.09 -15.30
CA LEU A 468 9.69 2.50 -15.98
C LEU A 468 10.96 2.59 -15.14
N ALA A 469 11.17 3.73 -14.48
CA ALA A 469 12.40 3.96 -13.72
C ALA A 469 12.44 3.15 -12.43
N VAL A 470 11.27 2.88 -11.84
CA VAL A 470 11.22 2.07 -10.63
C VAL A 470 11.67 0.63 -10.91
N LEU A 471 11.45 0.15 -12.14
CA LEU A 471 11.71 -1.25 -12.45
C LEU A 471 13.15 -1.68 -12.18
N PRO A 472 14.19 -0.95 -12.62
CA PRO A 472 15.56 -1.36 -12.22
C PRO A 472 15.76 -1.40 -10.72
N GLY A 473 15.17 -0.46 -9.99
CA GLY A 473 15.27 -0.49 -8.54
C GLY A 473 14.58 -1.70 -7.95
N ASN A 474 13.43 -2.08 -8.50
CA ASN A 474 12.75 -3.29 -8.05
C ASN A 474 13.60 -4.53 -8.33
N ILE A 475 14.23 -4.59 -9.51
CA ILE A 475 15.10 -5.72 -9.83
C ILE A 475 16.24 -5.82 -8.83
N VAL A 476 16.92 -4.70 -8.58
CA VAL A 476 18.07 -4.71 -7.67
C VAL A 476 17.63 -5.09 -6.26
N SER A 477 16.51 -4.52 -5.79
CA SER A 477 16.04 -4.81 -4.45
C SER A 477 15.65 -6.28 -4.32
N ALA A 478 14.94 -6.83 -5.30
CA ALA A 478 14.55 -8.23 -5.25
C ALA A 478 15.76 -9.14 -5.26
N LEU A 479 16.78 -8.80 -6.05
CA LEU A 479 17.95 -9.66 -6.13
C LEU A 479 18.86 -9.54 -4.91
N LEU A 480 18.83 -8.40 -4.20
CA LEU A 480 19.76 -8.19 -3.09
C LEU A 480 19.13 -8.29 -1.70
N MET A 481 17.80 -8.35 -1.60
CA MET A 481 17.15 -8.29 -0.29
C MET A 481 17.58 -9.46 0.60
N ASP A 482 17.48 -10.68 0.10
CA ASP A 482 17.85 -11.85 0.87
C ASP A 482 19.35 -12.10 0.88
N LYS A 483 20.12 -11.38 0.06
CA LYS A 483 21.55 -11.61 -0.03
C LYS A 483 22.35 -10.70 0.89
N ILE A 484 21.96 -9.43 1.02
CA ILE A 484 22.68 -8.49 1.87
C ILE A 484 21.90 -8.11 3.12
N GLY A 485 20.62 -8.44 3.21
CA GLY A 485 19.82 -8.13 4.37
C GLY A 485 18.93 -6.91 4.15
N ARG A 486 17.92 -6.79 5.02
CA ARG A 486 16.97 -5.69 4.91
C ARG A 486 17.54 -4.37 5.41
N LEU A 487 18.37 -4.40 6.45
CA LEU A 487 18.86 -3.15 7.04
C LEU A 487 19.78 -2.39 6.08
N ARG A 488 20.72 -3.09 5.45
CA ARG A 488 21.65 -2.43 4.55
C ARG A 488 20.92 -1.85 3.34
N MET A 489 19.96 -2.59 2.80
CA MET A 489 19.14 -2.08 1.70
C MET A 489 18.45 -0.78 2.11
N LEU A 490 17.79 -0.78 3.27
CA LEU A 490 17.06 0.40 3.72
C LEU A 490 18.00 1.58 3.91
N ALA A 491 19.14 1.36 4.57
CA ALA A 491 20.05 2.46 4.85
C ALA A 491 20.63 3.04 3.56
N GLY A 492 21.14 2.18 2.67
CA GLY A 492 21.72 2.68 1.44
C GLY A 492 20.70 3.38 0.55
N SER A 493 19.50 2.82 0.45
CA SER A 493 18.47 3.45 -0.37
C SER A 493 18.01 4.78 0.22
N SER A 494 17.94 4.88 1.55
CA SER A 494 17.57 6.15 2.16
C SER A 494 18.63 7.21 1.90
N VAL A 495 19.91 6.83 2.01
CA VAL A 495 20.98 7.79 1.74
C VAL A 495 20.92 8.24 0.28
N MET A 496 20.74 7.30 -0.64
CA MET A 496 20.66 7.67 -2.06
C MET A 496 19.43 8.52 -2.35
N SER A 497 18.31 8.25 -1.68
CA SER A 497 17.11 9.07 -1.86
C SER A 497 17.34 10.49 -1.37
N CYS A 498 18.01 10.64 -0.24
CA CYS A 498 18.35 11.98 0.25
C CYS A 498 19.28 12.69 -0.74
N VAL A 499 20.29 11.99 -1.25
CA VAL A 499 21.20 12.59 -2.22
C VAL A 499 20.47 13.03 -3.48
N SER A 500 19.56 12.18 -3.98
CA SER A 500 18.83 12.52 -5.20
C SER A 500 17.81 13.62 -4.97
N CYS A 501 17.19 13.67 -3.79
CA CYS A 501 16.28 14.76 -3.48
C CYS A 501 17.03 16.08 -3.43
N PHE A 502 18.23 16.09 -2.83
CA PHE A 502 19.07 17.29 -2.90
C PHE A 502 19.48 17.61 -4.33
N PHE A 503 19.81 16.58 -5.13
CA PHE A 503 20.15 16.79 -6.54
C PHE A 503 19.00 17.41 -7.32
N LEU A 504 17.76 17.18 -6.89
CA LEU A 504 16.60 17.72 -7.61
C LEU A 504 16.65 19.25 -7.70
N SER A 505 17.35 19.91 -6.77
CA SER A 505 17.39 21.37 -6.77
C SER A 505 18.24 21.94 -7.89
N PHE A 506 19.12 21.13 -8.48
CA PHE A 506 20.07 21.62 -9.48
C PHE A 506 19.52 21.58 -10.90
N GLY A 507 18.35 20.98 -11.12
CA GLY A 507 17.78 20.95 -12.46
C GLY A 507 17.31 22.32 -12.89
N ASN A 508 17.51 22.62 -14.18
CA ASN A 508 17.10 23.90 -14.74
C ASN A 508 16.38 23.75 -16.07
N SER A 509 15.79 22.58 -16.33
CA SER A 509 15.03 22.35 -17.55
C SER A 509 14.06 21.20 -17.30
N GLU A 510 13.05 21.10 -18.17
CA GLU A 510 12.03 20.07 -18.00
C GLU A 510 12.63 18.66 -18.11
N SER A 511 13.47 18.45 -19.13
CA SER A 511 14.07 17.13 -19.32
C SER A 511 14.99 16.76 -18.17
N ALA A 512 15.80 17.71 -17.71
CA ALA A 512 16.70 17.43 -16.59
C ALA A 512 15.92 17.12 -15.32
N MET A 513 14.85 17.88 -15.06
CA MET A 513 14.02 17.61 -13.88
C MET A 513 13.37 16.23 -13.97
N ILE A 514 12.89 15.86 -15.16
CA ILE A 514 12.27 14.54 -15.32
C ILE A 514 13.30 13.43 -15.08
N ALA A 515 14.51 13.60 -15.63
CA ALA A 515 15.55 12.59 -15.43
C ALA A 515 15.93 12.47 -13.96
N LEU A 516 16.07 13.61 -13.27
CA LEU A 516 16.42 13.57 -11.86
C LEU A 516 15.32 12.94 -11.01
N LEU A 517 14.06 13.21 -11.33
CA LEU A 517 12.97 12.58 -10.59
C LEU A 517 12.92 11.08 -10.84
N CYS A 518 13.20 10.65 -12.08
CA CYS A 518 13.27 9.22 -12.37
C CYS A 518 14.40 8.57 -11.56
N LEU A 519 15.56 9.22 -11.50
CA LEU A 519 16.66 8.71 -10.70
C LEU A 519 16.27 8.60 -9.23
N PHE A 520 15.60 9.64 -8.71
CA PHE A 520 15.18 9.62 -7.31
C PHE A 520 14.23 8.46 -7.04
N GLY A 521 13.24 8.26 -7.91
CA GLY A 521 12.31 7.17 -7.70
C GLY A 521 12.98 5.81 -7.78
N GLY A 522 13.87 5.63 -8.76
CA GLY A 522 14.57 4.36 -8.91
C GLY A 522 15.45 4.03 -7.73
N VAL A 523 16.09 5.04 -7.13
CA VAL A 523 16.93 4.76 -5.97
C VAL A 523 16.10 4.66 -4.70
N SER A 524 14.90 5.25 -4.65
CA SER A 524 14.13 5.27 -3.42
C SER A 524 13.19 4.08 -3.26
N ILE A 525 12.77 3.45 -4.37
CA ILE A 525 11.79 2.36 -4.25
C ILE A 525 12.33 1.20 -3.43
N ALA A 526 13.65 1.00 -3.44
CA ALA A 526 14.24 -0.11 -2.69
C ALA A 526 14.07 0.07 -1.18
N SER A 527 14.13 1.31 -0.69
CA SER A 527 13.91 1.54 0.73
C SER A 527 12.47 1.19 1.12
N TRP A 528 11.50 1.53 0.26
CA TRP A 528 10.12 1.17 0.53
C TRP A 528 9.94 -0.35 0.54
N ASN A 529 10.57 -1.05 -0.41
CA ASN A 529 10.48 -2.51 -0.42
C ASN A 529 11.07 -3.11 0.86
N ALA A 530 12.26 -2.64 1.25
CA ALA A 530 12.90 -3.14 2.46
C ALA A 530 12.06 -2.86 3.69
N LEU A 531 11.44 -1.68 3.76
CA LEU A 531 10.61 -1.35 4.91
C LEU A 531 9.35 -2.19 4.94
N ASP A 532 8.77 -2.52 3.78
CA ASP A 532 7.64 -3.45 3.75
C ASP A 532 8.04 -4.81 4.30
N VAL A 533 9.20 -5.31 3.87
CA VAL A 533 9.67 -6.61 4.35
C VAL A 533 9.89 -6.57 5.86
N LEU A 534 10.51 -5.49 6.35
CA LEU A 534 10.75 -5.36 7.78
C LEU A 534 9.45 -5.30 8.56
N THR A 535 8.47 -4.53 8.07
CA THR A 535 7.18 -4.45 8.75
C THR A 535 6.51 -5.80 8.81
N VAL A 536 6.60 -6.58 7.73
CA VAL A 536 6.04 -7.92 7.73
C VAL A 536 6.73 -8.80 8.76
N GLU A 537 8.06 -8.74 8.82
CA GLU A 537 8.83 -9.70 9.61
C GLU A 537 9.08 -9.26 11.04
N LEU A 538 8.88 -7.99 11.37
CA LEU A 538 9.18 -7.51 12.72
C LEU A 538 8.07 -7.76 13.73
N TYR A 539 6.88 -8.17 13.28
CA TYR A 539 5.75 -8.30 14.20
C TYR A 539 5.19 -9.71 14.17
N PRO A 540 4.58 -10.16 15.26
CA PRO A 540 4.00 -11.51 15.29
C PRO A 540 2.77 -11.61 14.40
N SER A 541 2.44 -12.85 14.03
CA SER A 541 1.37 -13.09 13.09
C SER A 541 0.01 -12.65 13.61
N ASP A 542 -0.20 -12.74 14.93
CA ASP A 542 -1.49 -12.36 15.51
C ASP A 542 -1.70 -10.86 15.58
N LYS A 543 -0.65 -10.05 15.35
CA LYS A 543 -0.76 -8.60 15.39
C LYS A 543 -0.10 -7.94 14.19
N ARG A 544 0.28 -8.72 13.18
CA ARG A 544 1.01 -8.17 12.03
C ARG A 544 0.15 -7.18 11.26
N THR A 545 -1.09 -7.53 10.96
CA THR A 545 -1.94 -6.62 10.20
C THR A 545 -2.34 -5.41 11.03
N THR A 546 -2.48 -5.56 12.35
CA THR A 546 -2.76 -4.41 13.20
C THR A 546 -1.62 -3.41 13.17
N ALA A 547 -0.38 -3.90 13.36
CA ALA A 547 0.77 -3.01 13.32
C ALA A 547 0.94 -2.38 11.93
N PHE A 548 0.75 -3.18 10.87
CA PHE A 548 0.87 -2.64 9.52
C PHE A 548 -0.20 -1.61 9.22
N GLY A 549 -1.43 -1.84 9.69
CA GLY A 549 -2.48 -0.85 9.50
C GLY A 549 -2.22 0.44 10.24
N PHE A 550 -1.70 0.35 11.47
CA PHE A 550 -1.33 1.56 12.20
C PHE A 550 -0.24 2.33 11.45
N LEU A 551 0.79 1.62 10.96
CA LEU A 551 1.86 2.29 10.24
C LEU A 551 1.36 2.88 8.92
N ASN A 552 0.41 2.21 8.25
CA ASN A 552 -0.11 2.73 6.99
C ASN A 552 -1.00 3.94 7.23
N ALA A 553 -1.76 3.95 8.32
CA ALA A 553 -2.51 5.14 8.69
C ALA A 553 -1.58 6.31 8.99
N LEU A 554 -0.47 6.04 9.67
CA LEU A 554 0.53 7.08 9.89
C LEU A 554 1.10 7.57 8.57
N CYS A 555 1.32 6.67 7.62
CA CYS A 555 1.78 7.08 6.29
C CYS A 555 0.76 7.96 5.59
N LYS A 556 -0.52 7.63 5.71
CA LYS A 556 -1.56 8.47 5.11
C LYS A 556 -1.56 9.86 5.74
N LEU A 557 -1.40 9.92 7.07
CA LEU A 557 -1.31 11.22 7.75
C LEU A 557 -0.09 12.00 7.26
N ALA A 558 1.04 11.31 7.08
CA ALA A 558 2.24 11.96 6.57
C ALA A 558 2.02 12.49 5.17
N ALA A 559 1.31 11.74 4.34
CA ALA A 559 0.99 12.20 3.00
C ALA A 559 0.12 13.47 3.05
N VAL A 560 -0.89 13.47 3.93
CA VAL A 560 -1.73 14.65 4.10
C VAL A 560 -0.89 15.86 4.48
N LEU A 561 -0.03 15.69 5.49
CA LEU A 561 0.79 16.81 5.96
C LEU A 561 1.75 17.28 4.87
N GLY A 562 2.37 16.35 4.16
CA GLY A 562 3.29 16.73 3.10
C GLY A 562 2.61 17.52 1.99
N ILE A 563 1.46 17.03 1.52
CA ILE A 563 0.73 17.73 0.48
C ILE A 563 0.33 19.13 0.95
N SER A 564 -0.23 19.21 2.16
CA SER A 564 -0.71 20.51 2.66
C SER A 564 0.44 21.49 2.83
N ILE A 565 1.57 21.04 3.39
CA ILE A 565 2.68 21.95 3.64
C ILE A 565 3.35 22.37 2.34
N PHE A 566 3.61 21.42 1.44
CA PHE A 566 4.29 21.77 0.20
C PHE A 566 3.39 22.52 -0.77
N THR A 567 2.07 22.51 -0.57
CA THR A 567 1.22 23.39 -1.37
C THR A 567 1.44 24.86 -1.00
N SER A 568 1.78 25.14 0.26
CA SER A 568 2.05 26.51 0.67
C SER A 568 3.39 27.02 0.17
N PHE A 569 4.26 26.13 -0.31
CA PHE A 569 5.59 26.51 -0.80
C PHE A 569 5.59 26.96 -2.25
N VAL A 570 4.43 27.00 -2.91
CA VAL A 570 4.39 27.29 -4.34
C VAL A 570 4.98 28.67 -4.64
N GLY A 571 4.64 29.67 -3.83
CA GLY A 571 5.01 31.04 -4.09
C GLY A 571 6.32 31.51 -3.51
N ILE A 572 7.16 30.62 -2.98
CA ILE A 572 8.36 31.09 -2.28
C ILE A 572 9.61 30.92 -3.13
N THR A 573 9.98 29.68 -3.43
CA THR A 573 11.23 29.39 -4.12
C THR A 573 11.33 27.89 -4.39
N LYS A 574 12.43 27.50 -5.03
CA LYS A 574 12.69 26.10 -5.35
C LYS A 574 13.49 25.40 -4.25
N ALA A 575 14.50 26.09 -3.70
CA ALA A 575 15.50 25.42 -2.88
C ALA A 575 14.92 24.95 -1.53
N ALA A 576 14.08 25.78 -0.91
CA ALA A 576 13.62 25.49 0.44
C ALA A 576 12.82 24.19 0.55
N PRO A 577 11.82 23.91 -0.29
CA PRO A 577 11.15 22.60 -0.18
C PRO A 577 12.11 21.44 -0.40
N ILE A 578 13.07 21.59 -1.31
CA ILE A 578 14.04 20.54 -1.57
C ILE A 578 14.88 20.27 -0.33
N LEU A 579 15.35 21.33 0.32
CA LEU A 579 16.12 21.17 1.55
C LEU A 579 15.28 20.53 2.66
N PHE A 580 14.01 20.93 2.76
CA PHE A 580 13.14 20.36 3.78
C PHE A 580 12.95 18.86 3.58
N ALA A 581 12.67 18.45 2.33
CA ALA A 581 12.50 17.03 2.04
C ALA A 581 13.79 16.26 2.24
N SER A 582 14.93 16.86 1.88
CA SER A 582 16.21 16.20 2.08
C SER A 582 16.51 16.01 3.56
N ALA A 583 16.17 17.01 4.39
CA ALA A 583 16.36 16.86 5.83
C ALA A 583 15.46 15.78 6.40
N ALA A 584 14.21 15.70 5.93
CA ALA A 584 13.33 14.63 6.38
C ALA A 584 13.87 13.27 6.00
N LEU A 585 14.38 13.13 4.77
CA LEU A 585 14.96 11.85 4.34
C LEU A 585 16.22 11.51 5.13
N ALA A 586 17.02 12.52 5.47
CA ALA A 586 18.21 12.28 6.28
C ALA A 586 17.83 11.80 7.67
N LEU A 587 16.79 12.39 8.27
CA LEU A 587 16.32 11.92 9.57
C LEU A 587 15.82 10.48 9.48
N GLY A 588 15.07 10.17 8.42
CA GLY A 588 14.62 8.79 8.23
C GLY A 588 15.78 7.81 8.08
N SER A 589 16.81 8.20 7.32
CA SER A 589 17.98 7.35 7.17
C SER A 589 18.71 7.15 8.49
N SER A 590 18.80 8.21 9.30
CA SER A 590 19.45 8.06 10.61
C SER A 590 18.66 7.12 11.51
N LEU A 591 17.32 7.21 11.47
CA LEU A 591 16.50 6.31 12.28
C LEU A 591 16.58 4.87 11.78
N ALA A 592 16.75 4.68 10.48
CA ALA A 592 16.75 3.32 9.91
C ALA A 592 17.87 2.46 10.46
N LEU A 593 18.97 3.08 10.91
CA LEU A 593 20.15 2.31 11.32
C LEU A 593 19.92 1.52 12.61
N LYS A 594 18.95 1.92 13.43
CA LYS A 594 18.75 1.31 14.75
C LYS A 594 17.79 0.13 14.73
N LEU A 595 17.16 -0.17 13.60
CA LEU A 595 16.24 -1.29 13.52
C LEU A 595 17.00 -2.61 13.54
N PRO A 596 16.40 -3.67 14.08
CA PRO A 596 17.05 -4.98 14.05
C PRO A 596 16.91 -5.68 12.70
N GLU A 597 17.85 -6.59 12.44
CA GLU A 597 17.86 -7.36 11.19
C GLU A 597 16.99 -8.60 11.34
N THR A 598 16.19 -8.87 10.32
CA THR A 598 15.27 -10.01 10.33
C THR A 598 15.65 -11.10 9.34
N ARG A 599 16.74 -10.93 8.58
CA ARG A 599 17.13 -11.93 7.60
C ARG A 599 17.50 -13.24 8.27
N GLY A 600 17.03 -14.35 7.70
CA GLY A 600 17.34 -15.68 8.20
C GLY A 600 16.42 -16.19 9.28
N GLN A 601 15.50 -15.37 9.77
CA GLN A 601 14.60 -15.76 10.85
C GLN A 601 13.33 -16.39 10.28
N VAL A 602 12.73 -17.27 11.08
CA VAL A 602 11.40 -17.78 10.74
C VAL A 602 10.38 -16.66 10.94
N LEU A 603 9.28 -16.73 10.20
CA LEU A 603 8.22 -15.75 10.35
C LEU A 603 7.59 -15.86 11.73
N GLN A 604 7.54 -14.75 12.46
CA GLN A 604 7.02 -14.75 13.82
C GLN A 604 5.55 -15.18 13.86
#